data_9JGK
#
_entry.id   9JGK
#
_cell.length_a   1.00
_cell.length_b   1.00
_cell.length_c   1.00
_cell.angle_alpha   90.00
_cell.angle_beta   90.00
_cell.angle_gamma   90.00
#
_symmetry.space_group_name_H-M   'P 1'
#
loop_
_entity.id
_entity.type
_entity.pdbx_description
1 polymer 'Soluble cytochrome b562,5-hydroxytryptamine receptor 2B,Soluble cytochrome b562,5-hydroxytryptamine receptor 2B,de novo design fusion protein'
2 non-polymer Balovaptan
#
_entity_poly.entity_id   1
_entity_poly.type   'polypeptide(L)'
_entity_poly.pdbx_seq_one_letter_code
;DYKDDDAADLEDNWETLNDNLKVIEKADNAAQVKDALTKMRAAALDAQKATPPKLEDKSPDSPEMKDFRHGFDILVGQID
DALKLANEGKVKEAQAAAEQLKTTRNAYIQKYLTESIPEEMKQIVEEQGNKLHWAALLILMVIIPTIGGNTLVILAVSLE
KKLQYATNYFLMSLAVADLLVGLFVMPIALLTIMFEAMWPLPLVLCPAWLFLDVLFSTASIWHLCAISVDRYIAIKKPIQ
ANQYNSRATAFIKITVVWLISIGIAIPVPIKGIETDVDNPNNITCVLTKERFGDFMLFGSLAAFFTPLAIMIVTYFLTIR
FRRRGAEALERAFSLEDDKEALLAALDALAEAFADDAELTALLALLRRLLEDPDLPADELAALRAALTRFPEFREALLAL
LDRYLATRDLADARDLVWALVLAIASDPRYRPAVAAMIAFGDAEVLRAGLLRGAEALGLPGGEALVEEIMAEAENEQRAS
KVLGIVFFLFLLMWCPFFITNITLVLCDSCNQTTLQMLLEIFVWIGYVSSGVNPLVYTLFNKTFRDAFGRYITCNYRATK
SVHHHHHH
;
_entity_poly.pdbx_strand_id   A
#
loop_
_chem_comp.id
_chem_comp.type
_chem_comp.name
_chem_comp.formula
A1EB7 non-polymer Balovaptan 'C22 H24 Cl N5 O'
#
# COMPACT_ATOMS: atom_id res chain seq x y z
N ALA A 136 -20.05 -31.48 10.33
CA ALA A 136 -19.71 -30.10 10.68
C ALA A 136 -18.25 -29.79 10.38
N LEU A 137 -17.89 -29.91 9.09
CA LEU A 137 -16.53 -29.66 8.62
C LEU A 137 -16.36 -28.27 8.02
N LEU A 138 -17.36 -27.40 8.15
CA LEU A 138 -17.36 -26.12 7.43
C LEU A 138 -16.18 -25.25 7.84
N ILE A 139 -15.94 -25.12 9.15
CA ILE A 139 -14.88 -24.26 9.64
C ILE A 139 -13.61 -25.03 10.00
N LEU A 140 -13.70 -26.34 10.20
CA LEU A 140 -12.50 -27.12 10.53
C LEU A 140 -11.52 -27.13 9.37
N MET A 141 -12.01 -27.24 8.14
CA MET A 141 -11.13 -27.31 6.98
C MET A 141 -10.52 -25.96 6.63
N VAL A 142 -11.22 -24.86 6.91
CA VAL A 142 -10.76 -23.53 6.49
C VAL A 142 -9.40 -23.19 7.11
N ILE A 143 -9.07 -23.80 8.25
CA ILE A 143 -7.79 -23.52 8.90
C ILE A 143 -6.63 -23.84 7.96
N ILE A 144 -6.70 -24.96 7.24
CA ILE A 144 -5.59 -25.37 6.38
C ILE A 144 -5.32 -24.37 5.26
N PRO A 145 -6.32 -23.86 4.51
CA PRO A 145 -6.01 -22.82 3.51
C PRO A 145 -5.32 -21.60 4.08
N THR A 146 -5.71 -21.15 5.28
CA THR A 146 -5.08 -19.96 5.85
C THR A 146 -3.59 -20.20 6.09
N ILE A 147 -3.26 -21.27 6.80
CA ILE A 147 -1.86 -21.57 7.11
C ILE A 147 -1.08 -21.83 5.84
N GLY A 148 -1.66 -22.57 4.89
CA GLY A 148 -0.97 -22.85 3.65
C GLY A 148 -0.68 -21.61 2.84
N GLY A 149 -1.67 -20.73 2.68
CA GLY A 149 -1.45 -19.50 1.95
C GLY A 149 -0.47 -18.58 2.63
N ASN A 150 -0.48 -18.55 3.97
CA ASN A 150 0.47 -17.70 4.68
C ASN A 150 1.89 -18.24 4.55
N THR A 151 2.07 -19.55 4.68
CA THR A 151 3.41 -20.10 4.57
C THR A 151 3.92 -20.05 3.14
N LEU A 152 3.03 -20.10 2.15
CA LEU A 152 3.46 -19.91 0.77
C LEU A 152 4.04 -18.50 0.58
N VAL A 153 3.38 -17.49 1.15
CA VAL A 153 3.89 -16.14 1.06
C VAL A 153 5.20 -16.02 1.84
N ILE A 154 5.29 -16.71 2.98
CA ILE A 154 6.54 -16.70 3.74
C ILE A 154 7.69 -17.24 2.90
N LEU A 155 7.47 -18.37 2.23
CA LEU A 155 8.53 -19.02 1.45
C LEU A 155 8.86 -18.29 0.16
N ALA A 156 7.85 -17.77 -0.55
CA ALA A 156 8.09 -17.18 -1.86
C ALA A 156 8.96 -15.93 -1.78
N VAL A 157 8.70 -15.07 -0.79
CA VAL A 157 9.45 -13.83 -0.69
C VAL A 157 10.89 -14.08 -0.27
N SER A 158 11.14 -15.12 0.52
CA SER A 158 12.47 -15.40 1.04
C SER A 158 13.23 -16.43 0.20
N LEU A 159 12.61 -17.02 -0.81
CA LEU A 159 13.25 -18.05 -1.61
C LEU A 159 13.44 -17.64 -3.06
N GLU A 160 12.39 -17.15 -3.72
CA GLU A 160 12.48 -16.84 -5.15
C GLU A 160 13.46 -15.70 -5.41
N LYS A 161 13.47 -14.68 -4.55
CA LYS A 161 14.36 -13.53 -4.65
C LYS A 161 13.95 -12.62 -5.81
N LYS A 162 13.02 -13.08 -6.62
CA LYS A 162 12.48 -12.25 -7.70
C LYS A 162 11.39 -11.31 -7.21
N LEU A 163 10.91 -11.48 -5.99
CA LEU A 163 9.80 -10.68 -5.46
C LEU A 163 10.12 -10.13 -4.07
N GLN A 164 11.38 -9.77 -3.83
CA GLN A 164 11.76 -9.16 -2.54
C GLN A 164 11.77 -7.64 -2.64
N TYR A 165 10.65 -7.05 -3.07
CA TYR A 165 10.55 -5.61 -3.12
C TYR A 165 10.34 -5.05 -1.71
N ALA A 166 10.33 -3.73 -1.60
CA ALA A 166 10.24 -3.09 -0.29
C ALA A 166 8.93 -3.44 0.40
N THR A 167 7.82 -3.42 -0.33
CA THR A 167 6.52 -3.72 0.27
C THR A 167 6.37 -5.20 0.60
N ASN A 168 7.03 -6.07 -0.16
CA ASN A 168 6.88 -7.51 0.05
C ASN A 168 7.45 -7.98 1.38
N TYR A 169 8.36 -7.22 1.99
CA TYR A 169 8.78 -7.54 3.34
C TYR A 169 7.65 -7.35 4.35
N PHE A 170 6.86 -6.29 4.18
CA PHE A 170 5.66 -6.12 5.01
C PHE A 170 4.66 -7.23 4.75
N LEU A 171 4.57 -7.70 3.50
CA LEU A 171 3.66 -8.79 3.18
C LEU A 171 4.05 -10.06 3.93
N MET A 172 5.34 -10.33 4.06
CA MET A 172 5.75 -11.53 4.80
C MET A 172 5.46 -11.40 6.29
N SER A 173 5.59 -10.20 6.86
CA SER A 173 5.23 -10.01 8.26
C SER A 173 3.73 -10.20 8.46
N LEU A 174 2.91 -9.65 7.55
CA LEU A 174 1.47 -9.89 7.63
C LEU A 174 1.16 -11.37 7.46
N ALA A 175 1.89 -12.05 6.59
CA ALA A 175 1.66 -13.47 6.37
C ALA A 175 1.97 -14.29 7.61
N VAL A 176 3.07 -13.98 8.29
CA VAL A 176 3.40 -14.73 9.51
C VAL A 176 2.40 -14.39 10.62
N ALA A 177 1.93 -13.14 10.66
CA ALA A 177 0.91 -12.78 11.64
C ALA A 177 -0.38 -13.58 11.41
N ASP A 178 -0.80 -13.71 10.15
CA ASP A 178 -1.98 -14.48 9.83
C ASP A 178 -1.75 -15.99 9.93
N LEU A 179 -0.50 -16.43 9.87
CA LEU A 179 -0.19 -17.84 10.07
C LEU A 179 -0.29 -18.20 11.55
N LEU A 180 0.17 -17.29 12.42
CA LEU A 180 0.12 -17.56 13.85
C LEU A 180 -1.32 -17.69 14.35
N VAL A 181 -2.27 -16.96 13.75
CA VAL A 181 -3.66 -17.11 14.17
C VAL A 181 -4.22 -18.45 13.73
N GLY A 182 -3.62 -19.06 12.71
CA GLY A 182 -4.11 -20.36 12.25
C GLY A 182 -3.91 -21.46 13.26
N LEU A 183 -2.81 -21.41 14.02
CA LEU A 183 -2.48 -22.43 15.00
C LEU A 183 -2.73 -22.01 16.44
N PHE A 184 -2.73 -20.71 16.72
CA PHE A 184 -2.84 -20.25 18.10
C PHE A 184 -4.19 -19.60 18.42
N VAL A 185 -4.96 -19.22 17.41
CA VAL A 185 -6.26 -18.58 17.61
C VAL A 185 -7.40 -19.48 17.18
N MET A 186 -7.43 -19.87 15.91
CA MET A 186 -8.54 -20.66 15.39
C MET A 186 -8.78 -21.98 16.12
N PRO A 187 -7.77 -22.83 16.36
CA PRO A 187 -8.08 -24.19 16.85
C PRO A 187 -8.74 -24.21 18.22
N ILE A 188 -8.14 -23.57 19.22
CA ILE A 188 -8.72 -23.57 20.55
C ILE A 188 -9.98 -22.73 20.63
N ALA A 189 -10.08 -21.65 19.83
CA ALA A 189 -11.32 -20.89 19.82
C ALA A 189 -12.48 -21.73 19.29
N LEU A 190 -12.24 -22.54 18.25
CA LEU A 190 -13.31 -23.40 17.77
C LEU A 190 -13.54 -24.59 18.71
N LEU A 191 -12.50 -25.03 19.41
CA LEU A 191 -12.67 -26.07 20.42
C LEU A 191 -13.54 -25.58 21.57
N THR A 192 -13.47 -24.29 21.89
CA THR A 192 -14.30 -23.73 22.94
C THR A 192 -15.79 -23.89 22.65
N ILE A 193 -16.16 -24.09 21.38
CA ILE A 193 -17.56 -24.29 21.03
C ILE A 193 -18.10 -25.56 21.67
N MET A 194 -17.32 -26.64 21.64
CA MET A 194 -17.76 -27.89 22.27
C MET A 194 -17.84 -27.77 23.79
N PHE A 195 -17.12 -26.82 24.38
CA PHE A 195 -17.14 -26.61 25.82
C PHE A 195 -18.20 -25.60 26.24
N GLU A 196 -19.00 -25.09 25.30
CA GLU A 196 -20.05 -24.11 25.57
C GLU A 196 -19.45 -22.84 26.20
N ALA A 197 -18.54 -22.22 25.45
CA ALA A 197 -17.91 -20.96 25.86
C ALA A 197 -17.17 -21.09 27.19
N MET A 198 -16.69 -22.29 27.50
CA MET A 198 -15.93 -22.53 28.71
C MET A 198 -14.50 -22.94 28.36
N TRP A 199 -13.61 -22.77 29.32
CA TRP A 199 -12.19 -23.04 29.12
C TRP A 199 -11.84 -24.40 29.70
N PRO A 200 -11.59 -25.42 28.87
CA PRO A 200 -11.25 -26.75 29.40
C PRO A 200 -9.75 -27.02 29.53
N LEU A 201 -8.91 -26.05 29.20
CA LEU A 201 -7.47 -26.17 29.28
C LEU A 201 -6.98 -25.67 30.64
N PRO A 202 -5.67 -25.78 30.91
CA PRO A 202 -5.13 -25.12 32.09
C PRO A 202 -5.44 -23.63 32.09
N LEU A 203 -5.83 -23.12 33.26
CA LEU A 203 -6.23 -21.73 33.40
C LEU A 203 -5.06 -20.76 33.32
N VAL A 204 -3.83 -21.27 33.31
CA VAL A 204 -2.66 -20.40 33.25
C VAL A 204 -2.63 -19.59 31.97
N LEU A 205 -3.00 -20.20 30.85
CA LEU A 205 -2.78 -19.61 29.53
C LEU A 205 -3.94 -18.75 29.04
N CYS A 206 -5.06 -18.70 29.76
CA CYS A 206 -6.22 -17.95 29.26
C CYS A 206 -5.93 -16.47 29.06
N PRO A 207 -5.37 -15.73 30.04
CA PRO A 207 -4.98 -14.35 29.75
C PRO A 207 -3.93 -14.27 28.65
N ALA A 208 -3.05 -15.27 28.58
CA ALA A 208 -2.08 -15.32 27.49
C ALA A 208 -2.77 -15.46 26.14
N TRP A 209 -3.81 -16.31 26.07
CA TRP A 209 -4.53 -16.47 24.81
C TRP A 209 -5.26 -15.19 24.41
N LEU A 210 -5.89 -14.51 25.37
CA LEU A 210 -6.56 -13.26 25.04
C LEU A 210 -5.54 -12.21 24.57
N PHE A 211 -4.40 -12.15 25.24
CA PHE A 211 -3.33 -11.24 24.81
C PHE A 211 -2.87 -11.57 23.39
N LEU A 212 -2.73 -12.86 23.08
CA LEU A 212 -2.30 -13.25 21.74
C LEU A 212 -3.33 -12.88 20.70
N ASP A 213 -4.62 -13.06 21.00
CA ASP A 213 -5.67 -12.70 20.05
C ASP A 213 -5.64 -11.21 19.76
N VAL A 214 -5.59 -10.38 20.81
CA VAL A 214 -5.56 -8.94 20.60
C VAL A 214 -4.30 -8.52 19.84
N LEU A 215 -3.15 -9.07 20.23
CA LEU A 215 -1.90 -8.75 19.56
C LEU A 215 -1.97 -9.09 18.07
N PHE A 216 -2.50 -10.27 17.75
CA PHE A 216 -2.52 -10.71 16.36
C PHE A 216 -3.48 -9.87 15.52
N SER A 217 -4.67 -9.56 16.05
CA SER A 217 -5.58 -8.70 15.30
C SER A 217 -4.97 -7.31 15.07
N THR A 218 -4.38 -6.73 16.12
CA THR A 218 -3.77 -5.42 15.99
C THR A 218 -2.63 -5.43 14.99
N ALA A 219 -1.79 -6.47 15.02
CA ALA A 219 -0.70 -6.57 14.05
C ALA A 219 -1.25 -6.72 12.63
N SER A 220 -2.31 -7.51 12.45
CA SER A 220 -2.87 -7.69 11.13
C SER A 220 -3.36 -6.37 10.54
N ILE A 221 -4.06 -5.57 11.35
CA ILE A 221 -4.54 -4.28 10.83
C ILE A 221 -3.37 -3.32 10.61
N TRP A 222 -2.47 -3.24 11.58
CA TRP A 222 -1.41 -2.25 11.53
C TRP A 222 -0.39 -2.56 10.43
N HIS A 223 -0.31 -3.81 9.99
CA HIS A 223 0.59 -4.13 8.87
C HIS A 223 0.08 -3.52 7.57
N LEU A 224 -1.23 -3.63 7.31
CA LEU A 224 -1.82 -2.93 6.18
C LEU A 224 -1.66 -1.42 6.32
N CYS A 225 -1.85 -0.91 7.53
CA CYS A 225 -1.65 0.53 7.75
C CYS A 225 -0.22 0.94 7.43
N ALA A 226 0.76 0.14 7.87
CA ALA A 226 2.16 0.43 7.60
C ALA A 226 2.46 0.35 6.11
N ILE A 227 1.86 -0.61 5.41
CA ILE A 227 2.04 -0.70 3.97
C ILE A 227 1.54 0.57 3.29
N SER A 228 0.35 1.04 3.67
CA SER A 228 -0.19 2.23 3.06
C SER A 228 0.67 3.46 3.35
N VAL A 229 1.08 3.64 4.61
CA VAL A 229 1.87 4.82 4.93
C VAL A 229 3.26 4.75 4.28
N ASP A 230 3.83 3.55 4.18
CA ASP A 230 5.12 3.39 3.51
C ASP A 230 5.01 3.72 2.03
N ARG A 231 3.94 3.26 1.38
CA ARG A 231 3.74 3.60 -0.02
C ARG A 231 3.60 5.11 -0.20
N TYR A 232 2.82 5.76 0.66
CA TYR A 232 2.65 7.21 0.57
C TYR A 232 3.99 7.93 0.75
N ILE A 233 4.73 7.58 1.81
CA ILE A 233 5.97 8.29 2.08
C ILE A 233 7.03 8.01 1.03
N ALA A 234 7.01 6.82 0.42
CA ALA A 234 7.97 6.51 -0.63
C ALA A 234 7.66 7.26 -1.91
N ILE A 235 6.39 7.30 -2.32
CA ILE A 235 6.03 8.01 -3.53
C ILE A 235 6.24 9.52 -3.35
N LYS A 236 5.81 10.07 -2.21
CA LYS A 236 5.90 11.51 -2.00
C LYS A 236 7.35 11.99 -1.91
N LYS A 237 8.21 11.25 -1.20
CA LYS A 237 9.60 11.66 -0.98
C LYS A 237 10.52 10.50 -1.35
N PRO A 238 10.76 10.29 -2.64
CA PRO A 238 11.66 9.22 -3.08
C PRO A 238 13.13 9.63 -3.19
N ILE A 239 13.51 10.80 -2.69
CA ILE A 239 14.90 11.26 -2.82
C ILE A 239 15.83 10.31 -2.08
N GLN A 240 15.46 9.92 -0.86
CA GLN A 240 16.24 8.98 -0.07
C GLN A 240 15.69 7.57 -0.05
N ALA A 241 14.40 7.39 -0.34
CA ALA A 241 13.84 6.05 -0.38
C ALA A 241 14.48 5.20 -1.48
N ASN A 242 14.67 5.80 -2.67
CA ASN A 242 15.33 5.08 -3.75
C ASN A 242 16.79 4.79 -3.42
N GLN A 243 17.48 5.76 -2.83
CA GLN A 243 18.89 5.59 -2.50
C GLN A 243 19.07 4.84 -1.19
N ALA A 250 13.88 -2.43 6.12
CA ALA A 250 12.48 -2.81 6.26
C ALA A 250 12.23 -3.48 7.61
N PHE A 251 13.27 -4.14 8.12
CA PHE A 251 13.15 -4.84 9.41
C PHE A 251 12.84 -3.88 10.54
N ILE A 252 13.39 -2.66 10.48
CA ILE A 252 13.13 -1.67 11.53
C ILE A 252 11.65 -1.31 11.56
N LYS A 253 11.04 -1.09 10.39
CA LYS A 253 9.62 -0.76 10.35
C LYS A 253 8.76 -1.91 10.86
N ILE A 254 9.14 -3.15 10.56
CA ILE A 254 8.42 -4.30 11.08
C ILE A 254 8.50 -4.36 12.60
N THR A 255 9.70 -4.13 13.14
CA THR A 255 9.84 -4.10 14.59
C THR A 255 8.99 -2.99 15.21
N VAL A 256 8.93 -1.83 14.55
CA VAL A 256 8.16 -0.71 15.09
C VAL A 256 6.68 -1.08 15.20
N VAL A 257 6.12 -1.66 14.13
CA VAL A 257 4.70 -1.97 14.15
C VAL A 257 4.40 -3.10 15.12
N TRP A 258 5.28 -4.12 15.19
CA TRP A 258 5.05 -5.18 16.16
C TRP A 258 5.14 -4.68 17.60
N LEU A 259 6.09 -3.80 17.91
CA LEU A 259 6.16 -3.20 19.23
C LEU A 259 4.95 -2.33 19.53
N ILE A 260 4.44 -1.61 18.53
CA ILE A 260 3.24 -0.81 18.74
C ILE A 260 2.06 -1.71 19.07
N SER A 261 1.90 -2.81 18.35
CA SER A 261 0.81 -3.74 18.65
C SER A 261 0.98 -4.37 20.02
N ILE A 262 2.21 -4.70 20.40
CA ILE A 262 2.44 -5.27 21.73
C ILE A 262 2.07 -4.26 22.81
N GLY A 263 2.49 -3.00 22.64
CA GLY A 263 2.10 -1.95 23.58
C GLY A 263 0.65 -1.55 23.50
N ILE A 264 -0.07 -2.00 22.48
CA ILE A 264 -1.51 -1.84 22.45
C ILE A 264 -2.21 -2.94 23.22
N ALA A 265 -1.67 -4.16 23.17
CA ALA A 265 -2.31 -5.31 23.80
C ALA A 265 -1.83 -5.59 25.22
N ILE A 266 -1.05 -4.69 25.82
CA ILE A 266 -0.50 -4.96 27.15
C ILE A 266 -1.56 -5.12 28.24
N PRO A 267 -2.61 -4.31 28.32
CA PRO A 267 -3.50 -4.39 29.50
C PRO A 267 -4.23 -5.71 29.66
N VAL A 268 -4.33 -6.53 28.61
CA VAL A 268 -5.16 -7.73 28.67
C VAL A 268 -4.68 -8.69 29.76
N PRO A 269 -3.38 -8.98 29.92
CA PRO A 269 -2.98 -9.78 31.10
C PRO A 269 -3.43 -9.19 32.42
N ILE A 270 -3.42 -7.87 32.55
CA ILE A 270 -3.88 -7.22 33.78
C ILE A 270 -5.40 -7.29 33.87
N PRO A 280 -18.90 -23.69 44.19
CA PRO A 280 -17.87 -24.06 43.21
C PRO A 280 -18.01 -23.29 41.90
N ASN A 281 -16.89 -23.08 41.20
CA ASN A 281 -16.92 -22.36 39.93
C ASN A 281 -15.67 -22.70 39.14
N ASN A 282 -15.75 -22.45 37.84
CA ASN A 282 -14.65 -22.70 36.91
C ASN A 282 -14.39 -21.45 36.08
N ILE A 283 -13.27 -21.46 35.36
CA ILE A 283 -12.85 -20.33 34.55
C ILE A 283 -13.71 -20.27 33.29
N THR A 284 -14.03 -19.04 32.86
CA THR A 284 -14.80 -18.82 31.64
C THR A 284 -14.22 -17.58 30.96
N CYS A 285 -13.39 -17.80 29.94
CA CYS A 285 -12.74 -16.71 29.22
C CYS A 285 -13.69 -16.20 28.15
N VAL A 286 -14.40 -15.11 28.47
CA VAL A 286 -15.32 -14.48 27.53
C VAL A 286 -15.04 -12.98 27.50
N LEU A 287 -14.16 -12.53 28.40
CA LEU A 287 -13.75 -11.12 28.47
C LEU A 287 -14.98 -10.23 28.68
N THR A 288 -15.59 -10.41 29.85
CA THR A 288 -16.84 -9.73 30.15
C THR A 288 -16.67 -8.22 30.10
N LYS A 289 -17.74 -7.54 29.67
CA LYS A 289 -17.68 -6.09 29.52
C LYS A 289 -17.49 -5.39 30.86
N GLU A 290 -17.79 -6.06 31.97
CA GLU A 290 -17.67 -5.43 33.28
C GLU A 290 -16.20 -5.20 33.63
N ARG A 291 -15.42 -6.28 33.74
CA ARG A 291 -14.01 -6.13 34.11
C ARG A 291 -13.21 -5.48 32.99
N PHE A 292 -13.44 -5.87 31.75
CA PHE A 292 -12.77 -5.28 30.60
C PHE A 292 -13.67 -4.24 29.92
N GLY A 293 -13.97 -3.18 30.67
CA GLY A 293 -14.85 -2.14 30.18
C GLY A 293 -14.14 -1.10 29.36
N ASP A 294 -13.12 -0.46 29.94
CA ASP A 294 -12.38 0.57 29.23
C ASP A 294 -11.64 0.00 28.04
N PHE A 295 -11.22 -1.26 28.11
CA PHE A 295 -10.50 -1.87 27.00
C PHE A 295 -11.39 -1.99 25.77
N MET A 296 -12.64 -2.42 25.94
CA MET A 296 -13.52 -2.63 24.80
C MET A 296 -13.66 -1.36 23.97
N LEU A 297 -13.49 -0.20 24.59
CA LEU A 297 -13.54 1.06 23.85
C LEU A 297 -12.16 1.45 23.34
N PHE A 298 -11.18 1.56 24.25
CA PHE A 298 -9.89 2.12 23.87
C PHE A 298 -9.11 1.21 22.93
N GLY A 299 -9.05 -0.09 23.24
CA GLY A 299 -8.35 -1.01 22.36
C GLY A 299 -9.00 -1.11 21.00
N SER A 300 -10.32 -1.10 20.95
CA SER A 300 -11.02 -1.10 19.66
C SER A 300 -10.69 0.15 18.86
N LEU A 301 -10.70 1.32 19.51
CA LEU A 301 -10.36 2.56 18.82
C LEU A 301 -8.93 2.52 18.29
N ALA A 302 -8.00 2.04 19.11
CA ALA A 302 -6.59 2.05 18.71
C ALA A 302 -6.27 0.94 17.71
N ALA A 303 -7.12 -0.08 17.63
CA ALA A 303 -6.81 -1.20 16.73
C ALA A 303 -7.49 -1.02 15.38
N PHE A 304 -8.67 -0.43 15.34
CA PHE A 304 -9.40 -0.29 14.09
C PHE A 304 -9.53 1.15 13.63
N PHE A 305 -10.10 2.02 14.46
CA PHE A 305 -10.43 3.37 14.00
C PHE A 305 -9.17 4.19 13.76
N THR A 306 -8.21 4.12 14.68
CA THR A 306 -6.95 4.86 14.50
C THR A 306 -6.20 4.43 13.25
N PRO A 307 -6.00 3.14 12.96
CA PRO A 307 -5.37 2.79 11.68
C PRO A 307 -6.23 3.11 10.47
N LEU A 308 -7.55 2.87 10.56
CA LEU A 308 -8.42 3.04 9.40
C LEU A 308 -8.52 4.49 8.97
N ALA A 309 -8.42 5.42 9.93
CA ALA A 309 -8.39 6.85 9.54
C ALA A 309 -7.19 7.09 8.62
N ILE A 310 -5.97 6.97 9.14
CA ILE A 310 -4.74 7.24 8.34
C ILE A 310 -4.70 6.31 7.13
N MET A 311 -4.94 5.01 7.33
CA MET A 311 -4.85 4.03 6.22
C MET A 311 -5.57 4.60 4.99
N ILE A 312 -6.88 4.85 5.11
CA ILE A 312 -7.68 5.35 3.96
C ILE A 312 -6.94 6.54 3.33
N VAL A 313 -6.63 7.57 4.13
CA VAL A 313 -5.97 8.79 3.60
C VAL A 313 -4.67 8.40 2.88
N THR A 314 -3.70 7.85 3.61
CA THR A 314 -2.39 7.48 3.02
C THR A 314 -2.61 6.66 1.74
N TYR A 315 -3.50 5.66 1.80
CA TYR A 315 -3.79 4.81 0.61
C TYR A 315 -4.12 5.71 -0.58
N PHE A 316 -5.06 6.64 -0.42
CA PHE A 316 -5.47 7.53 -1.53
C PHE A 316 -4.34 8.50 -1.86
N LEU A 317 -3.61 8.97 -0.83
CA LEU A 317 -2.50 9.93 -1.05
C LEU A 317 -1.62 9.42 -2.19
N THR A 318 -1.28 8.13 -2.18
CA THR A 318 -0.44 7.54 -3.26
C THR A 318 -1.18 7.66 -4.59
N ILE A 319 -2.44 7.21 -4.64
CA ILE A 319 -3.23 7.24 -5.92
C ILE A 319 -3.27 8.69 -6.42
N ARG A 320 -3.48 9.64 -5.52
CA ARG A 320 -3.54 11.08 -5.91
C ARG A 320 -2.34 11.42 -6.79
N PHE A 321 -1.12 11.10 -6.33
CA PHE A 321 0.11 11.43 -7.10
C PHE A 321 0.03 10.81 -8.49
N ARG A 322 -0.26 9.50 -8.55
CA ARG A 322 -0.40 8.82 -9.86
C ARG A 322 -1.38 9.62 -10.74
N ARG A 323 -2.59 9.85 -10.23
CA ARG A 323 -3.61 10.60 -10.99
C ARG A 323 -3.04 11.96 -11.43
N ARG A 324 -2.47 12.72 -10.49
CA ARG A 324 -1.88 14.05 -10.81
C ARG A 324 -1.03 13.91 -12.08
N GLY A 325 -0.03 13.03 -12.05
CA GLY A 325 0.80 12.80 -13.25
C GLY A 325 -0.05 12.38 -14.43
N ALA A 326 -0.74 11.25 -14.33
CA ALA A 326 -1.60 10.75 -15.43
C ALA A 326 -2.19 11.93 -16.21
N GLU A 327 -3.04 12.73 -15.56
CA GLU A 327 -3.69 13.88 -16.26
C GLU A 327 -2.62 14.78 -16.86
N ALA A 328 -1.73 15.31 -16.03
CA ALA A 328 -0.67 16.22 -16.53
C ALA A 328 0.00 15.60 -17.76
N LEU A 329 0.37 14.32 -17.69
CA LEU A 329 1.06 13.69 -18.80
C LEU A 329 0.17 13.57 -20.03
N GLU A 330 -1.11 13.24 -19.83
CA GLU A 330 -2.02 13.14 -20.97
C GLU A 330 -2.15 14.48 -21.68
N ARG A 331 -2.26 15.56 -20.91
CA ARG A 331 -2.29 16.89 -21.53
C ARG A 331 -0.97 17.21 -22.21
N ALA A 332 0.15 16.74 -21.65
CA ALA A 332 1.45 16.95 -22.29
C ALA A 332 1.56 16.20 -23.59
N PHE A 333 0.82 15.12 -23.76
CA PHE A 333 0.80 14.35 -24.99
C PHE A 333 -0.41 14.65 -25.86
N SER A 334 -1.11 15.75 -25.59
CA SER A 334 -2.32 16.11 -26.32
C SER A 334 -2.04 16.94 -27.57
N LEU A 335 -0.78 17.14 -27.93
CA LEU A 335 -0.40 17.88 -29.12
C LEU A 335 -0.96 19.31 -29.10
N LYS A 339 -0.80 24.24 -26.84
CA LYS A 339 -0.64 25.32 -25.86
C LYS A 339 0.35 24.91 -24.78
N GLU A 340 1.00 25.90 -24.17
CA GLU A 340 1.99 25.62 -23.14
C GLU A 340 1.33 25.41 -21.79
N ALA A 341 0.31 24.57 -21.74
CA ALA A 341 -0.29 24.16 -20.48
C ALA A 341 0.27 22.85 -19.96
N LEU A 342 1.11 22.17 -20.75
CA LEU A 342 1.68 20.89 -20.32
C LEU A 342 2.61 21.08 -19.13
N LEU A 343 3.54 22.02 -19.24
CA LEU A 343 4.52 22.24 -18.19
C LEU A 343 3.91 22.81 -16.92
N ALA A 344 2.92 23.71 -17.05
CA ALA A 344 2.31 24.32 -15.87
C ALA A 344 1.66 23.28 -14.96
N ALA A 345 1.24 22.14 -15.51
CA ALA A 345 0.68 21.05 -14.72
C ALA A 345 1.71 19.98 -14.40
N LEU A 346 2.61 19.68 -15.33
CA LEU A 346 3.64 18.67 -15.07
C LEU A 346 4.57 19.11 -13.94
N ASP A 347 4.73 20.42 -13.74
CA ASP A 347 5.57 20.89 -12.65
C ASP A 347 5.03 20.43 -11.31
N ALA A 348 3.74 20.66 -11.07
CA ALA A 348 3.11 20.18 -9.84
C ALA A 348 2.95 18.67 -9.81
N LEU A 349 2.77 18.05 -10.97
CA LEU A 349 2.63 16.59 -11.02
C LEU A 349 3.93 15.91 -10.56
N ALA A 350 5.07 16.38 -11.06
CA ALA A 350 6.34 15.78 -10.69
C ALA A 350 6.65 15.94 -9.21
N GLU A 351 6.35 17.11 -8.67
CA GLU A 351 6.59 17.37 -7.25
C GLU A 351 5.30 17.30 -6.45
N LEU A 362 13.47 22.63 -12.26
CA LEU A 362 13.88 22.45 -13.66
C LEU A 362 12.67 22.47 -14.58
N LEU A 363 11.56 21.94 -14.09
CA LEU A 363 10.33 21.91 -14.90
C LEU A 363 9.85 23.32 -15.21
N ALA A 364 9.89 24.22 -14.21
CA ALA A 364 9.46 25.59 -14.44
C ALA A 364 10.36 26.31 -15.44
N LEU A 365 11.61 25.86 -15.57
CA LEU A 365 12.50 26.43 -16.57
C LEU A 365 11.99 26.21 -17.99
N LEU A 366 11.31 25.09 -18.25
CA LEU A 366 10.73 24.87 -19.57
C LEU A 366 9.65 25.89 -19.86
N ARG A 367 8.79 26.18 -18.89
CA ARG A 367 7.77 27.21 -19.08
C ARG A 367 8.41 28.58 -19.21
N ARG A 368 9.54 28.79 -18.53
CA ARG A 368 10.29 30.02 -18.72
C ARG A 368 10.79 30.16 -20.15
N LEU A 369 11.24 29.04 -20.74
CA LEU A 369 11.71 29.06 -22.12
C LEU A 369 10.58 29.48 -23.07
N LEU A 370 9.38 28.96 -22.85
CA LEU A 370 8.24 29.33 -23.67
C LEU A 370 7.72 30.70 -23.25
N LEU A 375 13.58 34.81 -24.49
CA LEU A 375 13.04 34.36 -23.21
C LEU A 375 14.07 34.50 -22.11
N PRO A 376 14.59 33.37 -21.63
CA PRO A 376 15.58 33.44 -20.54
C PRO A 376 16.93 33.93 -21.01
N ALA A 377 17.26 35.18 -20.68
CA ALA A 377 18.54 35.74 -21.09
C ALA A 377 19.70 35.15 -20.29
N ASP A 378 19.52 35.04 -18.97
CA ASP A 378 20.59 34.55 -18.09
C ASP A 378 20.31 33.19 -17.48
N GLU A 379 19.10 32.63 -17.65
CA GLU A 379 18.81 31.31 -17.13
C GLU A 379 19.30 30.20 -18.05
N LEU A 380 19.86 30.54 -19.21
CA LEU A 380 20.35 29.51 -20.13
C LEU A 380 21.48 28.71 -19.51
N ALA A 381 22.35 29.35 -18.72
CA ALA A 381 23.42 28.63 -18.05
C ALA A 381 22.87 27.60 -17.07
N ALA A 382 21.86 27.98 -16.30
CA ALA A 382 21.23 27.03 -15.38
C ALA A 382 20.55 25.91 -16.14
N LEU A 383 19.89 26.23 -17.25
CA LEU A 383 19.24 25.20 -18.05
C LEU A 383 20.26 24.21 -18.60
N ARG A 384 21.39 24.71 -19.09
CA ARG A 384 22.43 23.83 -19.61
C ARG A 384 23.02 22.98 -18.49
N ALA A 385 23.19 23.56 -17.30
CA ALA A 385 23.66 22.79 -16.16
C ALA A 385 22.69 21.67 -15.81
N ALA A 386 21.39 21.97 -15.82
CA ALA A 386 20.38 20.95 -15.54
C ALA A 386 20.41 19.87 -16.61
N LEU A 387 20.59 20.25 -17.87
CA LEU A 387 20.70 19.27 -18.93
C LEU A 387 21.90 18.36 -18.72
N THR A 388 23.03 18.94 -18.29
CA THR A 388 24.21 18.14 -17.98
C THR A 388 24.04 17.32 -16.71
N ARG A 389 22.99 17.58 -15.92
CA ARG A 389 22.74 16.81 -14.71
C ARG A 389 22.19 15.42 -14.99
N PHE A 390 21.83 15.12 -16.24
CA PHE A 390 21.34 13.80 -16.64
C PHE A 390 22.38 13.18 -17.56
N PRO A 391 23.25 12.31 -17.03
CA PRO A 391 24.28 11.71 -17.88
C PRO A 391 23.74 10.65 -18.82
N GLU A 392 22.66 9.96 -18.46
CA GLU A 392 22.12 8.92 -19.31
C GLU A 392 21.68 9.48 -20.65
N PHE A 393 20.93 10.59 -20.63
CA PHE A 393 20.58 11.26 -21.88
C PHE A 393 21.78 11.94 -22.52
N ARG A 394 22.81 12.26 -21.74
CA ARG A 394 24.08 12.83 -22.23
C ARG A 394 23.78 14.14 -22.93
N GLU A 395 24.35 14.40 -24.11
CA GLU A 395 24.20 15.67 -24.80
C GLU A 395 23.04 15.69 -25.78
N ALA A 396 22.29 14.60 -25.89
CA ALA A 396 21.12 14.60 -26.77
C ALA A 396 20.10 15.62 -26.30
N LEU A 397 19.88 15.71 -24.98
CA LEU A 397 18.96 16.70 -24.45
C LEU A 397 19.43 18.11 -24.76
N LEU A 398 20.74 18.37 -24.63
CA LEU A 398 21.27 19.69 -24.96
C LEU A 398 21.08 20.01 -26.44
N ALA A 399 21.32 19.03 -27.31
CA ALA A 399 21.12 19.25 -28.74
C ALA A 399 19.66 19.54 -29.05
N LEU A 400 18.74 18.79 -28.43
CA LEU A 400 17.32 19.05 -28.65
C LEU A 400 16.93 20.43 -28.14
N LEU A 401 17.50 20.85 -27.00
CA LEU A 401 17.21 22.17 -26.48
C LEU A 401 17.70 23.26 -27.43
N ASP A 402 18.91 23.09 -27.97
CA ASP A 402 19.43 24.06 -28.94
C ASP A 402 18.56 24.12 -30.18
N ARG A 403 18.12 22.96 -30.68
CA ARG A 403 17.25 22.93 -31.85
C ARG A 403 15.92 23.60 -31.55
N TYR A 404 15.36 23.37 -30.37
CA TYR A 404 14.09 23.99 -30.00
C TYR A 404 14.23 25.50 -29.89
N LEU A 405 15.35 25.96 -29.33
CA LEU A 405 15.60 27.40 -29.27
C LEU A 405 15.73 27.99 -30.67
N ALA A 406 16.37 27.27 -31.58
CA ALA A 406 16.53 27.77 -32.95
C ALA A 406 15.21 27.74 -33.71
N THR A 407 14.38 26.73 -33.49
CA THR A 407 13.17 26.53 -34.27
C THR A 407 11.96 27.28 -33.72
N ARG A 408 12.14 28.03 -32.62
CA ARG A 408 11.10 28.88 -32.05
C ARG A 408 9.84 28.07 -31.69
N ASP A 409 10.02 27.14 -30.76
CA ASP A 409 8.94 26.37 -30.14
C ASP A 409 8.16 25.63 -31.21
N LEU A 410 6.84 25.79 -31.32
CA LEU A 410 5.98 25.03 -32.24
C LEU A 410 6.12 23.55 -31.89
N ALA A 411 6.49 22.68 -32.83
CA ALA A 411 6.65 21.27 -32.51
C ALA A 411 8.00 20.99 -31.87
N ASP A 412 8.98 21.88 -32.07
CA ASP A 412 10.29 21.68 -31.47
C ASP A 412 10.21 21.67 -29.95
N ALA A 413 9.45 22.60 -29.37
CA ALA A 413 9.27 22.58 -27.93
C ALA A 413 8.54 21.32 -27.49
N ARG A 414 7.60 20.84 -28.31
CA ARG A 414 6.86 19.63 -27.96
C ARG A 414 7.78 18.42 -27.88
N ASP A 415 8.64 18.24 -28.88
CA ASP A 415 9.53 17.09 -28.81
C ASP A 415 10.65 17.31 -27.79
N LEU A 416 10.98 18.56 -27.46
CA LEU A 416 11.92 18.81 -26.38
C LEU A 416 11.35 18.36 -25.04
N VAL A 417 10.10 18.73 -24.74
CA VAL A 417 9.52 18.33 -23.47
C VAL A 417 9.27 16.83 -23.45
N TRP A 418 8.92 16.24 -24.60
CA TRP A 418 8.76 14.79 -24.65
C TRP A 418 10.08 14.08 -24.34
N ALA A 419 11.18 14.55 -24.93
CA ALA A 419 12.49 13.97 -24.65
C ALA A 419 12.87 14.17 -23.18
N LEU A 420 12.59 15.35 -22.64
CA LEU A 420 12.90 15.61 -21.24
C LEU A 420 12.12 14.67 -20.32
N VAL A 421 10.84 14.45 -20.62
CA VAL A 421 10.02 13.55 -19.81
C VAL A 421 10.56 12.13 -19.91
N LEU A 422 10.95 11.70 -21.11
CA LEU A 422 11.52 10.36 -21.25
C LEU A 422 12.82 10.23 -20.45
N ALA A 423 13.66 11.25 -20.50
CA ALA A 423 14.91 11.19 -19.73
C ALA A 423 14.64 11.17 -18.23
N ILE A 424 13.65 11.94 -17.78
CA ILE A 424 13.29 11.95 -16.37
C ILE A 424 12.81 10.57 -15.94
N ALA A 425 11.95 9.95 -16.76
CA ALA A 425 11.53 8.59 -16.48
C ALA A 425 12.69 7.60 -16.55
N SER A 426 13.75 7.95 -17.28
CA SER A 426 14.92 7.08 -17.34
C SER A 426 15.77 7.17 -16.07
N ASP A 427 15.77 8.32 -15.40
CA ASP A 427 16.59 8.49 -14.21
C ASP A 427 16.10 7.56 -13.10
N PRO A 428 17.00 6.86 -12.41
CA PRO A 428 16.57 5.97 -11.32
C PRO A 428 16.00 6.71 -10.13
N ARG A 429 16.12 8.03 -10.07
CA ARG A 429 15.54 8.79 -8.96
C ARG A 429 14.03 8.96 -9.13
N TYR A 430 13.60 9.42 -10.31
CA TYR A 430 12.18 9.65 -10.57
C TYR A 430 11.47 8.44 -11.17
N ARG A 431 12.19 7.37 -11.51
CA ARG A 431 11.58 6.27 -12.23
C ARG A 431 10.39 5.65 -11.51
N PRO A 432 10.48 5.31 -10.21
CA PRO A 432 9.29 4.72 -9.55
C PRO A 432 8.08 5.65 -9.55
N ALA A 433 8.28 6.93 -9.24
CA ALA A 433 7.15 7.85 -9.20
C ALA A 433 6.52 8.01 -10.58
N VAL A 434 7.34 8.14 -11.62
CA VAL A 434 6.81 8.33 -12.96
C VAL A 434 6.10 7.08 -13.43
N ALA A 435 6.66 5.91 -13.14
CA ALA A 435 5.96 4.66 -13.46
C ALA A 435 4.63 4.58 -12.74
N ALA A 436 4.59 5.04 -11.49
CA ALA A 436 3.33 5.04 -10.74
C ALA A 436 2.29 5.94 -11.41
N MET A 437 2.69 7.15 -11.80
CA MET A 437 1.75 8.03 -12.48
C MET A 437 1.28 7.43 -13.81
N ILE A 438 2.19 6.81 -14.55
CA ILE A 438 1.82 6.17 -15.81
C ILE A 438 0.87 5.01 -15.57
N ALA A 439 0.95 4.38 -14.40
CA ALA A 439 0.05 3.26 -14.09
C ALA A 439 -1.41 3.65 -14.24
N PHE A 440 -1.76 4.88 -13.83
CA PHE A 440 -3.08 5.43 -14.09
C PHE A 440 -3.04 6.20 -15.41
N GLY A 441 -4.05 5.98 -16.24
CA GLY A 441 -4.13 6.62 -17.54
C GLY A 441 -4.41 5.63 -18.65
N ASP A 442 -4.64 6.19 -19.84
CA ASP A 442 -5.00 5.38 -21.00
C ASP A 442 -3.89 4.42 -21.40
N ALA A 443 -2.64 4.71 -21.02
CA ALA A 443 -1.50 3.84 -21.26
C ALA A 443 -1.24 3.61 -22.76
N GLU A 444 -1.90 4.40 -23.61
CA GLU A 444 -1.64 4.37 -25.04
C GLU A 444 -1.16 5.71 -25.57
N VAL A 445 -1.86 6.80 -25.21
CA VAL A 445 -1.38 8.14 -25.54
C VAL A 445 -0.03 8.39 -24.86
N LEU A 446 0.12 7.89 -23.64
CA LEU A 446 1.40 8.02 -22.94
C LEU A 446 2.50 7.30 -23.69
N ARG A 447 2.23 6.08 -24.18
CA ARG A 447 3.23 5.35 -24.95
C ARG A 447 3.57 6.09 -26.24
N ALA A 448 2.55 6.66 -26.91
CA ALA A 448 2.83 7.39 -28.15
C ALA A 448 3.70 8.61 -27.87
N GLY A 449 3.42 9.35 -26.81
CA GLY A 449 4.25 10.49 -26.46
C GLY A 449 5.67 10.10 -26.10
N LEU A 450 5.82 9.03 -25.32
CA LEU A 450 7.15 8.56 -24.97
C LEU A 450 7.93 8.11 -26.20
N LEU A 451 7.24 7.46 -27.15
CA LEU A 451 7.91 7.04 -28.37
C LEU A 451 8.33 8.24 -29.22
N ARG A 452 7.47 9.27 -29.27
CA ARG A 452 7.87 10.50 -29.95
C ARG A 452 9.11 11.10 -29.31
N GLY A 453 9.15 11.11 -27.97
CA GLY A 453 10.34 11.60 -27.28
C GLY A 453 11.58 10.78 -27.59
N ALA A 454 11.43 9.46 -27.62
CA ALA A 454 12.57 8.59 -27.93
C ALA A 454 13.08 8.85 -29.34
N GLU A 455 12.18 9.01 -30.30
CA GLU A 455 12.59 9.31 -31.66
C GLU A 455 13.31 10.66 -31.73
N ALA A 456 12.80 11.66 -31.00
CA ALA A 456 13.42 12.98 -31.02
C ALA A 456 14.78 12.97 -30.31
N LEU A 457 14.99 12.06 -29.37
CA LEU A 457 16.19 12.05 -28.55
C LEU A 457 17.35 11.32 -29.22
N GLY A 458 17.14 10.80 -30.42
CA GLY A 458 18.12 9.89 -31.00
C GLY A 458 18.07 8.57 -30.25
N LEU A 459 19.12 8.25 -29.51
CA LEU A 459 19.11 7.13 -28.58
C LEU A 459 18.66 5.83 -29.24
N PRO A 460 19.53 5.18 -30.02
CA PRO A 460 19.10 3.99 -30.77
C PRO A 460 18.46 2.90 -29.92
N GLY A 461 18.83 2.80 -28.65
CA GLY A 461 18.23 1.82 -27.76
C GLY A 461 16.97 2.31 -27.08
N GLY A 462 16.42 3.41 -27.60
CA GLY A 462 15.27 4.06 -27.00
C GLY A 462 14.02 3.20 -26.92
N GLU A 463 13.72 2.46 -27.99
CA GLU A 463 12.53 1.61 -27.98
C GLU A 463 12.60 0.58 -26.86
N ALA A 464 13.75 -0.07 -26.71
CA ALA A 464 13.91 -1.06 -25.65
C ALA A 464 13.83 -0.43 -24.26
N LEU A 465 13.95 0.89 -24.18
CA LEU A 465 13.84 1.59 -22.92
C LEU A 465 12.44 2.08 -22.63
N VAL A 466 11.74 2.65 -23.63
CA VAL A 466 10.37 3.06 -23.41
C VAL A 466 9.48 1.85 -23.16
N GLU A 467 9.74 0.75 -23.86
CA GLU A 467 8.98 -0.46 -23.56
C GLU A 467 9.27 -0.97 -22.16
N GLU A 468 10.51 -0.84 -21.69
CA GLU A 468 10.83 -1.21 -20.32
C GLU A 468 10.10 -0.32 -19.33
N ILE A 469 10.01 0.98 -19.62
CA ILE A 469 9.27 1.91 -18.76
C ILE A 469 7.81 1.50 -18.68
N MET A 470 7.20 1.21 -19.83
CA MET A 470 5.80 0.82 -19.84
C MET A 470 5.58 -0.50 -19.11
N ALA A 471 6.52 -1.44 -19.24
CA ALA A 471 6.42 -2.69 -18.50
C ALA A 471 6.51 -2.43 -17.00
N GLU A 472 7.41 -1.53 -16.60
CA GLU A 472 7.56 -1.18 -15.16
C GLU A 472 6.26 -0.54 -14.66
N ALA A 473 5.65 0.33 -15.47
CA ALA A 473 4.40 1.01 -15.07
C ALA A 473 3.32 -0.04 -14.77
N GLU A 474 3.16 -1.03 -15.66
CA GLU A 474 2.15 -2.10 -15.45
C GLU A 474 2.35 -2.72 -14.07
N ASN A 475 3.60 -2.98 -13.68
CA ASN A 475 3.91 -3.59 -12.36
C ASN A 475 3.27 -2.73 -11.26
N GLU A 476 3.61 -1.43 -11.22
CA GLU A 476 3.03 -0.50 -10.21
C GLU A 476 1.50 -0.67 -10.22
N GLN A 477 0.87 -0.58 -11.40
CA GLN A 477 -0.59 -0.74 -11.52
C GLN A 477 -1.01 -2.06 -10.87
N ARG A 478 -0.47 -3.19 -11.36
CA ARG A 478 -0.82 -4.53 -10.81
C ARG A 478 -0.82 -4.47 -9.28
N ALA A 479 0.28 -4.03 -8.69
CA ALA A 479 0.38 -3.94 -7.21
C ALA A 479 -0.83 -3.18 -6.66
N SER A 480 -1.04 -1.94 -7.12
CA SER A 480 -2.17 -1.11 -6.63
C SER A 480 -3.45 -1.95 -6.60
N LYS A 481 -3.75 -2.66 -7.69
CA LYS A 481 -4.98 -3.50 -7.76
C LYS A 481 -4.96 -4.52 -6.61
N VAL A 482 -3.94 -5.37 -6.56
CA VAL A 482 -3.85 -6.44 -5.51
C VAL A 482 -3.98 -5.79 -4.12
N LEU A 483 -3.45 -4.57 -3.96
CA LEU A 483 -3.50 -3.88 -2.64
C LEU A 483 -4.94 -3.43 -2.36
N GLY A 484 -5.53 -2.70 -3.31
CA GLY A 484 -6.92 -2.21 -3.14
C GLY A 484 -7.85 -3.32 -2.69
N ILE A 485 -7.80 -4.47 -3.38
CA ILE A 485 -8.69 -5.62 -3.04
C ILE A 485 -8.49 -5.99 -1.57
N VAL A 486 -7.25 -6.31 -1.19
CA VAL A 486 -6.94 -6.69 0.22
C VAL A 486 -7.56 -5.64 1.15
N PHE A 487 -7.25 -4.35 0.92
CA PHE A 487 -7.78 -3.26 1.78
C PHE A 487 -9.32 -3.32 1.80
N PHE A 488 -9.94 -3.36 0.62
CA PHE A 488 -11.42 -3.41 0.53
C PHE A 488 -11.94 -4.54 1.42
N LEU A 489 -11.41 -5.75 1.23
CA LEU A 489 -11.82 -6.91 2.08
C LEU A 489 -11.67 -6.51 3.54
N PHE A 490 -10.46 -6.09 3.94
CA PHE A 490 -10.21 -5.66 5.34
C PHE A 490 -11.37 -4.75 5.79
N LEU A 491 -11.73 -3.77 4.97
CA LEU A 491 -12.77 -2.83 5.39
C LEU A 491 -14.14 -3.50 5.45
N LEU A 492 -14.44 -4.36 4.49
CA LEU A 492 -15.76 -5.00 4.47
C LEU A 492 -15.89 -6.04 5.57
N MET A 493 -14.81 -6.74 5.91
CA MET A 493 -14.93 -7.85 6.86
C MET A 493 -14.73 -7.43 8.31
N TRP A 494 -13.74 -6.59 8.62
CA TRP A 494 -13.49 -6.27 10.02
C TRP A 494 -14.45 -5.23 10.56
N CYS A 495 -15.00 -4.38 9.68
CA CYS A 495 -15.79 -3.23 10.16
C CYS A 495 -17.02 -3.60 10.97
N PRO A 496 -17.87 -4.56 10.57
CA PRO A 496 -19.06 -4.84 11.40
C PRO A 496 -18.73 -5.19 12.84
N PHE A 497 -17.68 -5.98 13.06
CA PHE A 497 -17.34 -6.38 14.43
C PHE A 497 -16.96 -5.17 15.28
N PHE A 498 -16.06 -4.32 14.78
CA PHE A 498 -15.67 -3.14 15.55
C PHE A 498 -16.80 -2.13 15.66
N ILE A 499 -17.74 -2.13 14.71
CA ILE A 499 -18.88 -1.23 14.81
C ILE A 499 -19.80 -1.66 15.94
N THR A 500 -20.11 -2.96 16.01
CA THR A 500 -20.97 -3.42 17.09
C THR A 500 -20.26 -3.51 18.43
N ASN A 501 -18.92 -3.57 18.42
CA ASN A 501 -18.18 -3.64 19.68
C ASN A 501 -18.24 -2.33 20.45
N ILE A 502 -18.64 -1.24 19.79
CA ILE A 502 -18.85 0.02 20.48
C ILE A 502 -20.31 0.24 20.84
N THR A 503 -21.24 -0.39 20.11
CA THR A 503 -22.66 -0.19 20.37
C THR A 503 -23.04 -0.72 21.76
N LEU A 504 -22.53 -1.89 22.14
CA LEU A 504 -22.89 -2.47 23.43
C LEU A 504 -22.21 -1.78 24.59
N VAL A 505 -21.27 -0.87 24.33
CA VAL A 505 -20.68 -0.09 25.42
C VAL A 505 -21.55 1.12 25.76
N LEU A 506 -22.22 1.71 24.78
CA LEU A 506 -23.07 2.88 24.99
C LEU A 506 -24.48 2.55 24.52
N CYS A 507 -25.38 2.29 25.46
CA CYS A 507 -26.77 1.99 25.15
C CYS A 507 -27.64 2.30 26.36
N ASP A 508 -28.93 2.49 26.10
CA ASP A 508 -29.89 2.79 27.15
C ASP A 508 -30.98 1.73 27.31
N SER A 509 -31.38 1.06 26.23
CA SER A 509 -32.33 -0.03 26.32
C SER A 509 -31.94 -1.22 25.45
N CYS A 510 -30.74 -1.24 24.88
CA CYS A 510 -30.33 -2.31 24.01
C CYS A 510 -30.26 -3.62 24.78
N ASN A 511 -31.00 -4.63 24.33
CA ASN A 511 -30.96 -5.93 24.97
C ASN A 511 -29.60 -6.56 24.75
N GLN A 512 -28.97 -7.02 25.85
CA GLN A 512 -27.59 -7.47 25.77
C GLN A 512 -27.47 -8.76 24.95
N THR A 513 -28.47 -9.63 25.02
CA THR A 513 -28.43 -10.85 24.22
C THR A 513 -28.48 -10.55 22.73
N THR A 514 -29.31 -9.57 22.34
CA THR A 514 -29.48 -9.23 20.93
C THR A 514 -28.19 -8.70 20.31
N LEU A 515 -27.36 -8.01 21.09
CA LEU A 515 -26.08 -7.54 20.60
C LEU A 515 -24.96 -8.55 20.79
N GLN A 516 -25.06 -9.42 21.79
CA GLN A 516 -24.02 -10.43 22.02
C GLN A 516 -24.10 -11.56 21.01
N MET A 517 -25.30 -11.86 20.50
CA MET A 517 -25.40 -12.92 19.49
C MET A 517 -24.66 -12.53 18.21
N LEU A 518 -24.79 -11.27 17.78
CA LEU A 518 -24.13 -10.85 16.56
C LEU A 518 -22.63 -10.71 16.73
N LEU A 519 -22.17 -10.37 17.94
CA LEU A 519 -20.74 -10.24 18.19
C LEU A 519 -20.04 -11.58 18.02
N GLU A 520 -20.70 -12.67 18.39
CA GLU A 520 -20.07 -13.99 18.27
C GLU A 520 -19.76 -14.33 16.82
N ILE A 521 -20.70 -14.07 15.92
CA ILE A 521 -20.44 -14.33 14.51
C ILE A 521 -19.50 -13.29 13.93
N PHE A 522 -19.59 -12.04 14.40
CA PHE A 522 -18.77 -10.98 13.82
C PHE A 522 -17.30 -11.13 14.18
N VAL A 523 -16.98 -11.63 15.38
CA VAL A 523 -15.58 -11.85 15.73
C VAL A 523 -14.99 -12.95 14.86
N TRP A 524 -15.77 -14.00 14.58
CA TRP A 524 -15.29 -15.07 13.73
C TRP A 524 -15.18 -14.63 12.28
N ILE A 525 -16.02 -13.68 11.87
CA ILE A 525 -15.96 -13.17 10.49
C ILE A 525 -14.65 -12.44 10.25
N GLY A 526 -14.21 -11.62 11.22
CA GLY A 526 -13.01 -10.83 11.02
C GLY A 526 -11.76 -11.67 10.81
N TYR A 527 -11.68 -12.81 11.49
CA TYR A 527 -10.50 -13.65 11.38
C TYR A 527 -10.40 -14.40 10.06
N VAL A 528 -11.50 -14.48 9.30
CA VAL A 528 -11.42 -15.13 7.99
C VAL A 528 -10.59 -14.33 7.01
N SER A 529 -10.39 -13.03 7.28
CA SER A 529 -9.59 -12.20 6.37
C SER A 529 -8.14 -12.64 6.35
N SER A 530 -7.71 -13.41 7.36
CA SER A 530 -6.33 -13.89 7.37
C SER A 530 -6.04 -14.82 6.20
N GLY A 531 -6.97 -15.69 5.85
CA GLY A 531 -6.79 -16.66 4.80
C GLY A 531 -7.16 -16.22 3.41
N VAL A 532 -7.51 -14.95 3.22
CA VAL A 532 -7.91 -14.46 1.90
C VAL A 532 -6.86 -13.57 1.25
N ASN A 533 -5.94 -12.97 2.01
CA ASN A 533 -4.90 -12.16 1.40
C ASN A 533 -3.98 -12.96 0.48
N PRO A 534 -3.46 -14.14 0.87
CA PRO A 534 -2.71 -14.95 -0.10
C PRO A 534 -3.55 -15.37 -1.30
N LEU A 535 -4.85 -15.58 -1.11
CA LEU A 535 -5.71 -15.93 -2.24
C LEU A 535 -5.76 -14.80 -3.26
N VAL A 536 -5.80 -13.55 -2.80
CA VAL A 536 -5.80 -12.42 -3.72
C VAL A 536 -4.52 -12.38 -4.53
N TYR A 537 -3.38 -12.59 -3.87
CA TYR A 537 -2.11 -12.59 -4.58
C TYR A 537 -2.05 -13.72 -5.61
N THR A 538 -2.47 -14.92 -5.21
CA THR A 538 -2.43 -16.06 -6.13
C THR A 538 -3.35 -15.84 -7.33
N LEU A 539 -4.55 -15.32 -7.09
CA LEU A 539 -5.47 -15.06 -8.19
C LEU A 539 -4.97 -13.96 -9.11
N PHE A 540 -4.31 -12.95 -8.57
CA PHE A 540 -3.87 -11.79 -9.34
C PHE A 540 -2.40 -11.87 -9.73
N ASN A 541 -1.75 -13.01 -9.54
CA ASN A 541 -0.36 -13.17 -9.93
C ASN A 541 -0.23 -13.37 -11.44
C01 A1EB7 B . -15.40 -16.57 23.99
C03 A1EB7 B . -15.06 -15.50 21.90
C04 A1EB7 B . -13.91 -15.30 21.09
C05 A1EB7 B . -13.74 -16.24 20.12
C06 A1EB7 B . -12.66 -16.16 19.31
C08 A1EB7 B . -11.75 -15.23 19.43
C09 A1EB7 B . -11.92 -14.34 20.40
C10 A1EB7 B . -12.99 -14.35 21.26
C12 A1EB7 B . -13.78 -13.28 23.35
C13 A1EB7 B . -14.74 -14.27 23.87
C16 A1EB7 B . -12.28 -12.12 22.20
C17 A1EB7 B . -11.36 -11.58 21.33
C18 A1EB7 B . -11.87 -10.78 20.27
C19 A1EB7 B . -12.23 -9.45 20.68
C20 A1EB7 B . -11.01 -8.85 21.06
C21 A1EB7 B . -10.63 -9.51 22.28
C22 A1EB7 B . -10.32 -10.88 21.98
C24 A1EB7 B . -10.33 -6.74 20.90
C25 A1EB7 B . -9.57 -7.23 19.83
C26 A1EB7 B . -8.64 -6.36 19.34
C27 A1EB7 B . -8.49 -5.11 19.89
C28 A1EB7 B . -9.30 -4.74 20.93
N02 A1EB7 B . -14.65 -15.56 23.28
N11 A1EB7 B . -12.98 -13.32 22.18
N14 A1EB7 B . -13.52 -12.13 23.97
N15 A1EB7 B . -12.64 -11.46 23.27
N29 A1EB7 B . -10.21 -5.55 21.43
O23 A1EB7 B . -11.22 -7.55 21.38
CL07 A1EB7 B . -12.39 -17.21 18.16
#